data_2R2M
#
_entry.id   2R2M
#
_cell.length_a   70.950
_cell.length_b   72.135
_cell.length_c   72.850
_cell.angle_alpha   90.00
_cell.angle_beta   100.64
_cell.angle_gamma   90.00
#
_symmetry.space_group_name_H-M   'C 1 2 1'
#
loop_
_entity.id
_entity.type
_entity.pdbx_description
1 polymer 'Thrombin light chain'
2 polymer 'Thrombin heavy chain'
3 polymer Hirudin-3A
4 non-polymer N-[2-({[amino(imino)methyl]amino}oxy)ethyl]-2-{6-chloro-3-[(2,2-difluoro-2-phenylethyl)amino]-2-fluorophenyl}acetamide
5 water water
#
loop_
_entity_poly.entity_id
_entity_poly.type
_entity_poly.pdbx_seq_one_letter_code
_entity_poly.pdbx_strand_id
1 'polypeptide(L)' ADCGLRPLFEKKSLEDKTERELLESY A
2 'polypeptide(L)'
;IVEGSDAEIGMSPWQVMLFRKSPQELLCGASLISDRWVLTAAHCLLYPPWDKNFTENDLLVRIGKHSRTRYERNIEKISM
LEKIYIHPRYNWRENLDRDIALMKLKKPVAFSDYIHPVCLPDRETAASLLQAGYKGRVTGWGNLKETWTANVGKGQPSVL
QVVNLPIVERPVCKDSTRIRITDNMFCAGYKPDEGKRGDACEGDSGGPFVMKSPFNNRWYQMGIVSWGEGCDRDGKYGFY
THVFRLKKWIQKVIDQFGE
;
B
3 'polypeptide(L)' DFEEIPEEYLQ H
#
loop_
_chem_comp.id
_chem_comp.type
_chem_comp.name
_chem_comp.formula
I50 non-polymer N-[2-({[amino(imino)methyl]amino}oxy)ethyl]-2-{6-chloro-3-[(2,2-difluoro-2-phenylethyl)amino]-2-fluorophenyl}acetamide 'C19 H21 Cl F3 N5 O2'
#
# COMPACT_ATOMS: atom_id res chain seq x y z
N ALA A 1 16.40 0.33 -9.95
CA ALA A 1 17.53 1.20 -10.29
C ALA A 1 17.08 2.65 -10.41
N ASP A 2 15.87 2.84 -10.92
CA ASP A 2 15.27 4.16 -11.04
C ASP A 2 14.09 4.32 -10.07
N CYS A 3 14.01 3.42 -9.10
CA CYS A 3 12.88 3.37 -8.17
C CYS A 3 12.66 4.66 -7.39
N GLY A 4 11.41 4.95 -7.06
CA GLY A 4 11.09 6.01 -6.12
C GLY A 4 11.21 7.41 -6.69
N LEU A 5 11.50 7.52 -7.98
CA LEU A 5 11.56 8.82 -8.63
C LEU A 5 10.43 8.96 -9.64
N ARG A 6 9.48 9.83 -9.35
CA ARG A 6 8.29 9.96 -10.17
C ARG A 6 8.53 10.78 -11.43
N PRO A 7 8.16 10.23 -12.59
CA PRO A 7 8.26 10.95 -13.87
C PRO A 7 7.68 12.36 -13.79
N LEU A 8 6.54 12.54 -13.13
CA LEU A 8 5.85 13.83 -13.15
C LEU A 8 6.22 14.75 -11.98
N PHE A 9 7.08 14.27 -11.09
CA PHE A 9 7.49 15.10 -9.95
C PHE A 9 9.02 15.17 -9.84
N GLU A 10 9.65 14.24 -9.12
CA GLU A 10 11.10 14.29 -8.97
C GLU A 10 11.86 14.48 -10.28
N LYS A 11 11.47 13.75 -11.31
CA LYS A 11 12.20 13.80 -12.59
C LYS A 11 12.12 15.16 -13.28
N LYS A 12 11.10 15.94 -12.94
CA LYS A 12 10.92 17.28 -13.48
C LYS A 12 11.24 18.34 -12.43
N SER A 13 11.66 17.89 -11.25
CA SER A 13 11.90 18.79 -10.13
C SER A 13 10.65 19.60 -9.73
N LEU A 14 9.47 18.99 -9.85
CA LEU A 14 8.24 19.58 -9.32
C LEU A 14 7.85 18.87 -8.02
N GLU A 15 7.28 19.60 -7.07
CA GLU A 15 6.85 19.00 -5.82
C GLU A 15 5.35 18.80 -5.81
N ASP A 16 4.89 17.72 -5.18
CA ASP A 16 3.46 17.56 -4.97
C ASP A 16 3.02 18.44 -3.79
N LYS A 17 1.74 18.63 -3.65
CA LYS A 17 1.17 19.56 -2.70
C LYS A 17 1.47 19.34 -1.25
N THR A 18 1.81 18.13 -0.83
CA THR A 18 1.96 17.89 0.60
C THR A 18 3.26 17.21 1.02
N GLU A 19 4.16 16.99 0.09
CA GLU A 19 5.38 16.34 0.42
C GLU A 19 6.20 17.10 1.39
N ARG A 20 6.07 18.38 1.43
CA ARG A 20 6.83 19.23 2.34
C ARG A 20 6.52 18.86 3.79
N GLU A 21 5.25 18.54 4.04
CA GLU A 21 4.80 18.08 5.35
C GLU A 21 5.63 16.90 5.84
N LEU A 22 5.89 15.94 4.95
CA LEU A 22 6.73 14.80 5.27
C LEU A 22 8.13 15.26 5.66
N LEU A 23 8.77 16.03 4.78
CA LEU A 23 10.15 16.45 4.99
C LEU A 23 10.32 17.27 6.27
N GLU A 24 9.30 18.08 6.58
CA GLU A 24 9.38 18.92 7.77
C GLU A 24 9.25 18.12 9.07
N SER A 25 8.75 16.90 8.96
CA SER A 25 8.61 16.05 10.15
C SER A 25 9.94 15.33 10.46
N TYR A 26 10.81 15.22 9.48
CA TYR A 26 12.07 14.49 9.66
C TYR A 26 13.13 15.31 10.39
N ILE B 1 -9.62 5.43 2.55
CA ILE B 1 -8.92 6.44 3.33
C ILE B 1 -9.90 7.42 3.97
N VAL B 2 -9.73 7.67 5.25
CA VAL B 2 -10.62 8.57 5.99
C VAL B 2 -9.89 9.87 6.28
N GLU B 3 -10.55 10.98 6.00
CA GLU B 3 -9.97 12.31 6.23
C GLU B 3 -8.73 12.59 5.37
N GLY B 4 -8.74 12.08 4.14
CA GLY B 4 -7.65 12.33 3.22
C GLY B 4 -8.05 13.32 2.13
N SER B 5 -7.23 13.41 1.09
CA SER B 5 -7.50 14.30 -0.04
C SER B 5 -7.33 13.53 -1.34
N ASP B 6 -7.91 14.07 -2.42
CA ASP B 6 -7.68 13.52 -3.74
C ASP B 6 -6.19 13.55 -4.06
N ALA B 7 -5.66 12.45 -4.55
CA ALA B 7 -4.29 12.42 -5.01
C ALA B 7 -4.18 13.27 -6.28
N GLU B 8 -3.00 13.81 -6.54
CA GLU B 8 -2.72 14.44 -7.83
C GLU B 8 -2.39 13.36 -8.86
N ILE B 9 -2.57 13.66 -10.14
CA ILE B 9 -2.18 12.73 -11.19
C ILE B 9 -0.69 12.36 -11.07
N GLY B 10 -0.38 11.08 -11.08
CA GLY B 10 1.01 10.62 -11.04
C GLY B 10 1.72 10.74 -9.69
N MET B 11 0.97 11.11 -8.66
CA MET B 11 1.51 11.24 -7.31
C MET B 11 2.01 9.91 -6.71
N SER B 12 1.37 8.80 -7.08
CA SER B 12 1.75 7.48 -6.58
C SER B 12 1.77 6.45 -7.70
N PRO B 13 2.75 6.55 -8.59
CA PRO B 13 2.78 5.72 -9.79
C PRO B 13 3.00 4.23 -9.46
N TRP B 14 3.27 3.90 -8.19
CA TRP B 14 3.47 2.51 -7.78
C TRP B 14 2.19 1.91 -7.22
N GLN B 15 1.16 2.74 -7.07
CA GLN B 15 -0.11 2.28 -6.53
C GLN B 15 -0.73 1.27 -7.49
N VAL B 16 -1.16 0.15 -6.95
CA VAL B 16 -1.78 -0.89 -7.74
C VAL B 16 -3.14 -1.19 -7.15
N MET B 17 -4.08 -1.54 -8.02
CA MET B 17 -5.40 -1.98 -7.57
C MET B 17 -5.55 -3.48 -7.79
N LEU B 18 -5.94 -4.19 -6.74
CA LEU B 18 -6.27 -5.61 -6.85
C LEU B 18 -7.74 -5.74 -7.19
N PHE B 19 -8.02 -6.34 -8.33
CA PHE B 19 -9.36 -6.34 -8.89
C PHE B 19 -9.88 -7.76 -9.08
N ARG B 20 -11.06 -8.03 -8.52
CA ARG B 20 -11.69 -9.34 -8.63
C ARG B 20 -12.37 -9.46 -10.00
N LYS B 21 -12.22 -10.63 -10.61
CA LYS B 21 -12.83 -10.86 -11.92
C LYS B 21 -14.35 -10.92 -11.86
N SER B 22 -14.88 -11.67 -10.89
CA SER B 22 -16.32 -11.80 -10.76
C SER B 22 -16.72 -12.31 -9.38
N PRO B 23 -17.61 -11.56 -8.69
CA PRO B 23 -18.15 -10.30 -9.23
C PRO B 23 -17.03 -9.27 -9.36
N GLN B 24 -17.12 -8.39 -10.35
CA GLN B 24 -16.09 -7.38 -10.55
C GLN B 24 -16.12 -6.40 -9.40
N GLU B 25 -15.04 -6.36 -8.63
CA GLU B 25 -14.95 -5.43 -7.51
C GLU B 25 -13.50 -5.17 -7.05
N LEU B 26 -13.34 -4.09 -6.28
CA LEU B 26 -12.04 -3.75 -5.70
C LEU B 26 -11.81 -4.66 -4.50
N LEU B 27 -10.68 -5.34 -4.47
CA LEU B 27 -10.31 -6.19 -3.35
C LEU B 27 -9.40 -5.50 -2.33
N CYS B 28 -8.35 -4.86 -2.84
CA CYS B 28 -7.29 -4.30 -2.01
C CYS B 28 -6.43 -3.38 -2.83
N GLY B 29 -5.52 -2.69 -2.15
CA GLY B 29 -4.44 -1.97 -2.82
C GLY B 29 -3.21 -2.86 -2.84
N ALA B 30 -2.17 -2.39 -3.52
CA ALA B 30 -0.92 -3.13 -3.67
C ALA B 30 0.12 -2.15 -4.17
N SER B 31 1.35 -2.61 -4.38
CA SER B 31 2.39 -1.72 -4.88
C SER B 31 3.33 -2.40 -5.89
N LEU B 32 3.76 -1.62 -6.88
CA LEU B 32 4.69 -2.12 -7.88
C LEU B 32 6.12 -1.90 -7.39
N ILE B 33 6.90 -2.98 -7.27
CA ILE B 33 8.28 -2.86 -6.80
C ILE B 33 9.30 -3.19 -7.90
N SER B 34 8.81 -3.69 -9.03
CA SER B 34 9.65 -3.89 -10.21
C SER B 34 8.74 -4.11 -11.41
N ASP B 35 9.31 -4.45 -12.57
CA ASP B 35 8.50 -4.57 -13.77
C ASP B 35 7.55 -5.79 -13.78
N ARG B 36 7.78 -6.76 -12.91
CA ARG B 36 6.80 -7.84 -12.79
C ARG B 36 6.51 -8.38 -11.39
N TRP B 37 6.91 -7.64 -10.36
CA TRP B 37 6.59 -8.02 -8.99
C TRP B 37 5.70 -6.98 -8.30
N VAL B 38 4.66 -7.47 -7.62
CA VAL B 38 3.72 -6.62 -6.91
C VAL B 38 3.62 -7.04 -5.43
N LEU B 39 3.75 -6.07 -4.54
CA LEU B 39 3.73 -6.34 -3.11
C LEU B 39 2.36 -6.00 -2.55
N THR B 40 1.81 -6.85 -1.67
CA THR B 40 0.51 -6.59 -1.07
C THR B 40 0.39 -7.27 0.30
N ALA B 41 -0.78 -7.16 0.93
CA ALA B 41 -1.02 -7.82 2.21
C ALA B 41 -1.59 -9.23 2.03
N ALA B 42 -1.07 -10.18 2.78
CA ALA B 42 -1.53 -11.57 2.71
C ALA B 42 -3.03 -11.68 2.98
N HIS B 43 -3.55 -10.93 3.95
CA HIS B 43 -4.95 -11.06 4.30
C HIS B 43 -5.88 -10.68 3.14
N CYS B 44 -5.34 -9.97 2.15
CA CYS B 44 -6.09 -9.64 0.94
C CYS B 44 -6.40 -10.89 0.11
N LEU B 45 -5.57 -11.91 0.25
CA LEU B 45 -5.74 -13.14 -0.52
C LEU B 45 -6.24 -14.31 0.33
N LEU B 46 -5.73 -14.40 1.55
CA LEU B 46 -6.01 -15.55 2.39
C LEU B 46 -6.47 -15.14 3.78
N TYR B 47 -7.75 -15.36 4.06
CA TYR B 47 -8.28 -15.09 5.38
C TYR B 47 -9.47 -15.99 5.70
N PRO B 48 -9.17 -17.22 6.16
CA PRO B 48 -10.15 -18.29 6.43
C PRO B 48 -11.31 -17.89 7.34
N PRO B 49 -11.07 -17.04 8.35
CA PRO B 49 -12.22 -16.64 9.18
C PRO B 49 -13.34 -15.98 8.39
N TRP B 50 -13.05 -15.47 7.19
CA TRP B 50 -14.07 -14.90 6.31
C TRP B 50 -14.22 -15.69 5.02
N ASP B 51 -13.76 -16.94 5.03
CA ASP B 51 -13.83 -17.80 3.84
C ASP B 51 -13.20 -17.16 2.62
N LYS B 52 -12.18 -16.35 2.85
CA LYS B 52 -11.47 -15.69 1.75
C LYS B 52 -10.20 -16.47 1.40
N ASN B 53 -10.12 -16.96 0.17
CA ASN B 53 -8.94 -17.68 -0.30
C ASN B 53 -8.81 -17.61 -1.82
N PHE B 54 -8.28 -16.50 -2.31
CA PHE B 54 -8.17 -16.27 -3.76
C PHE B 54 -6.94 -16.94 -4.36
N THR B 55 -7.05 -17.30 -5.64
CA THR B 55 -5.93 -17.88 -6.38
C THR B 55 -5.54 -17.01 -7.57
N GLU B 56 -4.45 -17.37 -8.24
CA GLU B 56 -3.94 -16.60 -9.38
C GLU B 56 -5.03 -16.21 -10.37
N ASN B 57 -6.00 -17.09 -10.55
CA ASN B 57 -7.00 -16.89 -11.61
C ASN B 57 -8.26 -16.12 -11.20
N ASP B 58 -8.41 -15.84 -9.91
CA ASP B 58 -9.55 -15.05 -9.44
C ASP B 58 -9.29 -13.56 -9.58
N LEU B 59 -8.06 -13.19 -9.93
CA LEU B 59 -7.60 -11.81 -9.76
C LEU B 59 -6.98 -11.14 -10.98
N LEU B 60 -7.14 -9.82 -11.02
CA LEU B 60 -6.43 -8.99 -11.97
C LEU B 60 -5.74 -7.89 -11.19
N VAL B 61 -4.56 -7.48 -11.64
CA VAL B 61 -3.96 -6.26 -11.12
C VAL B 61 -4.07 -5.15 -12.16
N ARG B 62 -4.52 -3.99 -11.71
CA ARG B 62 -4.65 -2.82 -12.58
C ARG B 62 -3.69 -1.73 -12.13
N ILE B 63 -2.81 -1.32 -13.04
CA ILE B 63 -1.71 -0.43 -12.71
C ILE B 63 -1.81 0.91 -13.44
N GLY B 64 -1.45 1.99 -12.75
CA GLY B 64 -1.44 3.31 -13.37
C GLY B 64 -2.78 4.03 -13.25
N LYS B 65 -3.60 3.60 -12.31
CA LYS B 65 -4.96 4.14 -12.16
C LYS B 65 -5.07 5.40 -11.30
N HIS B 66 -6.17 6.12 -11.50
CA HIS B 66 -6.48 7.31 -10.72
C HIS B 66 -7.96 7.29 -10.31
N SER B 67 -8.83 7.11 -11.30
CA SER B 67 -10.25 6.90 -11.05
C SER B 67 -10.48 5.52 -10.44
N ARG B 68 -11.21 5.36 -9.50
CA ARG B 68 -11.61 4.10 -8.87
C ARG B 68 -12.44 3.20 -9.79
N THR B 69 -13.37 3.66 -10.56
CA THR B 69 -14.29 2.78 -11.27
C THR B 69 -14.18 2.80 -12.80
N ARG B 70 -13.64 3.86 -13.36
CA ARG B 70 -13.53 4.02 -14.80
C ARG B 70 -12.48 3.10 -15.40
N TYR B 71 -12.67 2.66 -16.61
CA TYR B 71 -11.59 1.97 -17.31
C TYR B 71 -10.75 3.01 -18.03
N GLU B 72 -9.55 3.26 -17.50
CA GLU B 72 -8.77 4.42 -17.92
C GLU B 72 -7.95 4.14 -19.17
N ARG B 73 -8.64 4.20 -20.30
CA ARG B 73 -8.13 3.77 -21.60
C ARG B 73 -6.85 4.50 -21.98
N ASN B 74 -5.87 3.76 -22.51
CA ASN B 74 -4.58 4.32 -22.88
C ASN B 74 -3.71 4.78 -21.69
N ILE B 75 -4.26 4.71 -20.49
CA ILE B 75 -3.49 5.11 -19.31
C ILE B 75 -3.17 3.91 -18.40
N GLU B 76 -4.20 3.27 -17.86
CA GLU B 76 -3.95 2.13 -16.99
C GLU B 76 -3.52 0.88 -17.76
N LYS B 77 -2.79 0.00 -17.09
CA LYS B 77 -2.47 -1.31 -17.63
C LYS B 77 -3.08 -2.39 -16.74
N ILE B 78 -3.59 -3.45 -17.36
CA ILE B 78 -4.17 -4.57 -16.62
C ILE B 78 -3.32 -5.82 -16.82
N SER B 79 -2.95 -6.47 -15.73
CA SER B 79 -2.10 -7.66 -15.83
C SER B 79 -2.69 -8.87 -15.13
N MET B 80 -2.35 -10.05 -15.66
CA MET B 80 -2.74 -11.29 -15.01
C MET B 80 -1.59 -11.76 -14.16
N LEU B 81 -1.89 -12.62 -13.20
CA LEU B 81 -0.89 -13.14 -12.27
C LEU B 81 -0.37 -14.48 -12.71
N GLU B 82 0.93 -14.69 -12.56
CA GLU B 82 1.52 -15.99 -12.83
C GLU B 82 1.57 -16.82 -11.55
N LYS B 83 1.97 -16.19 -10.45
CA LYS B 83 2.10 -16.91 -9.19
C LYS B 83 1.93 -15.99 -7.97
N ILE B 84 1.40 -16.56 -6.90
CA ILE B 84 1.21 -15.83 -5.66
C ILE B 84 2.02 -16.48 -4.55
N TYR B 85 2.72 -15.67 -3.75
CA TYR B 85 3.50 -16.19 -2.64
C TYR B 85 3.09 -15.51 -1.34
N ILE B 86 2.58 -16.30 -0.40
CA ILE B 86 2.19 -15.81 0.91
C ILE B 86 3.31 -16.16 1.89
N HIS B 87 3.62 -15.26 2.81
CA HIS B 87 4.62 -15.60 3.82
C HIS B 87 4.25 -16.91 4.51
N PRO B 88 5.21 -17.85 4.62
CA PRO B 88 4.95 -19.14 5.26
C PRO B 88 4.43 -19.00 6.69
N ARG B 89 4.87 -17.97 7.39
CA ARG B 89 4.49 -17.80 8.80
C ARG B 89 3.51 -16.66 9.02
N TYR B 90 2.80 -16.26 7.97
CA TYR B 90 1.68 -15.35 8.08
C TYR B 90 0.69 -15.88 9.12
N ASN B 91 0.38 -15.09 10.14
CA ASN B 91 -0.46 -15.54 11.24
C ASN B 91 -1.89 -14.99 11.17
N TRP B 92 -2.73 -15.63 10.36
CA TRP B 92 -4.13 -15.22 10.25
C TRP B 92 -4.99 -15.67 11.42
N ARG B 93 -4.48 -16.61 12.21
CA ARG B 93 -5.26 -17.16 13.31
C ARG B 93 -5.38 -16.16 14.45
N GLU B 94 -4.30 -15.42 14.68
CA GLU B 94 -4.22 -14.56 15.85
C GLU B 94 -4.20 -13.05 15.52
N ASN B 95 -3.11 -12.54 14.96
CA ASN B 95 -2.91 -11.09 14.88
C ASN B 95 -2.47 -10.53 13.53
N LEU B 96 -2.57 -11.34 12.48
CA LEU B 96 -2.12 -10.92 11.14
C LEU B 96 -0.62 -10.60 11.13
N ASP B 97 0.13 -11.29 11.99
CA ASP B 97 1.59 -11.16 12.00
C ASP B 97 2.16 -11.61 10.64
N ARG B 98 3.12 -10.85 10.11
CA ARG B 98 3.70 -11.14 8.80
C ARG B 98 2.64 -11.07 7.69
N ASP B 99 1.88 -9.98 7.71
CA ASP B 99 0.80 -9.80 6.74
C ASP B 99 1.42 -9.31 5.43
N ILE B 100 1.90 -10.24 4.63
CA ILE B 100 2.61 -9.87 3.40
C ILE B 100 2.55 -10.97 2.35
N ALA B 101 2.50 -10.56 1.09
CA ALA B 101 2.44 -11.47 -0.04
C ALA B 101 3.07 -10.82 -1.26
N LEU B 102 3.72 -11.64 -2.09
CA LEU B 102 4.24 -11.21 -3.38
C LEU B 102 3.42 -11.81 -4.52
N MET B 103 3.32 -11.08 -5.62
CA MET B 103 2.62 -11.57 -6.80
C MET B 103 3.48 -11.35 -8.04
N LYS B 104 3.72 -12.43 -8.78
CA LYS B 104 4.52 -12.36 -9.99
C LYS B 104 3.58 -12.20 -11.18
N LEU B 105 3.82 -11.16 -11.97
CA LEU B 105 2.97 -10.89 -13.13
C LEU B 105 3.29 -11.82 -14.29
N LYS B 106 2.27 -12.16 -15.07
CA LYS B 106 2.43 -12.98 -16.26
C LYS B 106 3.51 -12.39 -17.18
N LYS B 107 3.43 -11.08 -17.41
CA LYS B 107 4.39 -10.38 -18.27
C LYS B 107 4.83 -9.07 -17.64
N PRO B 108 6.08 -8.68 -17.87
CA PRO B 108 6.57 -7.41 -17.34
C PRO B 108 5.69 -6.27 -17.85
N VAL B 109 5.47 -5.28 -17.01
CA VAL B 109 4.70 -4.10 -17.40
C VAL B 109 5.65 -2.98 -17.83
N ALA B 110 5.21 -2.17 -18.80
CA ALA B 110 6.02 -1.06 -19.27
C ALA B 110 5.75 0.19 -18.43
N PHE B 111 6.83 0.88 -18.03
CA PHE B 111 6.68 2.08 -17.22
C PHE B 111 6.29 3.26 -18.07
N SER B 112 5.77 4.30 -17.42
CA SER B 112 5.23 5.45 -18.11
C SER B 112 5.15 6.56 -17.07
N ASP B 113 4.52 7.68 -17.43
CA ASP B 113 4.35 8.77 -16.48
C ASP B 113 3.50 8.35 -15.26
N TYR B 114 2.67 7.32 -15.43
CA TYR B 114 1.69 6.92 -14.42
C TYR B 114 2.01 5.58 -13.74
N ILE B 115 3.11 4.96 -14.18
CA ILE B 115 3.46 3.62 -13.75
C ILE B 115 4.95 3.58 -13.49
N HIS B 116 5.34 3.41 -12.23
CA HIS B 116 6.74 3.46 -11.86
C HIS B 116 6.97 2.81 -10.48
N PRO B 117 8.02 1.99 -10.35
CA PRO B 117 8.19 1.23 -9.11
C PRO B 117 8.65 2.09 -7.94
N VAL B 118 8.29 1.68 -6.74
CA VAL B 118 8.76 2.33 -5.51
C VAL B 118 10.01 1.56 -5.05
N CYS B 119 10.87 2.19 -4.26
CA CYS B 119 12.02 1.49 -3.69
C CYS B 119 11.71 0.72 -2.40
N LEU B 120 12.42 -0.37 -2.17
CA LEU B 120 12.38 -1.07 -0.90
C LEU B 120 13.51 -0.55 -0.04
N PRO B 121 13.25 -0.37 1.27
CA PRO B 121 14.23 0.24 2.17
C PRO B 121 15.42 -0.67 2.42
N ASP B 122 16.61 -0.08 2.48
CA ASP B 122 17.79 -0.78 2.96
C ASP B 122 17.84 -0.58 4.48
N ARG B 123 18.68 -1.35 5.14
CA ARG B 123 18.77 -1.27 6.60
C ARG B 123 18.97 0.15 7.14
N GLU B 124 19.76 0.95 6.44
CA GLU B 124 20.12 2.28 6.90
C GLU B 124 18.99 3.28 6.72
N THR B 125 18.29 3.18 5.59
CA THR B 125 17.14 4.04 5.34
C THR B 125 16.06 3.77 6.39
N ALA B 126 15.80 2.48 6.64
CA ALA B 126 14.85 2.07 7.66
C ALA B 126 15.24 2.62 9.02
N ALA B 127 16.51 2.46 9.36
CA ALA B 127 17.01 2.91 10.66
C ALA B 127 16.80 4.41 10.83
N SER B 128 17.05 5.15 9.77
CA SER B 128 17.01 6.59 9.82
C SER B 128 15.59 7.19 9.76
N LEU B 129 14.68 6.52 9.06
CA LEU B 129 13.35 7.09 8.81
C LEU B 129 12.23 6.54 9.69
N LEU B 130 12.36 5.30 10.13
CA LEU B 130 11.31 4.72 10.95
C LEU B 130 11.38 5.18 12.39
N GLN B 131 10.90 6.39 12.65
CA GLN B 131 10.94 6.97 13.98
C GLN B 131 9.63 7.67 14.33
N ALA B 132 9.23 7.57 15.61
CA ALA B 132 7.99 8.20 16.07
C ALA B 132 8.01 9.68 15.76
N GLY B 133 6.90 10.18 15.23
CA GLY B 133 6.81 11.58 14.84
C GLY B 133 7.08 11.83 13.36
N TYR B 134 7.89 11.07 12.70
CA TYR B 134 8.07 11.24 11.26
C TYR B 134 6.78 10.87 10.54
N LYS B 135 6.59 11.49 9.52
CA LYS B 135 5.38 11.21 8.77
C LYS B 135 5.61 10.35 7.53
N GLY B 136 4.68 9.45 7.25
CA GLY B 136 4.67 8.72 6.00
C GLY B 136 3.34 8.98 5.29
N ARG B 137 3.17 8.39 4.11
CA ARG B 137 2.00 8.66 3.30
C ARG B 137 1.28 7.37 2.94
N VAL B 138 -0.05 7.37 3.08
CA VAL B 138 -0.86 6.22 2.71
C VAL B 138 -1.87 6.58 1.61
N THR B 139 -2.09 5.66 0.68
CA THR B 139 -2.99 5.91 -0.45
C THR B 139 -3.89 4.71 -0.71
N GLY B 140 -5.09 4.96 -1.24
CA GLY B 140 -5.98 3.88 -1.58
C GLY B 140 -7.34 4.35 -2.03
N TRP B 141 -8.12 3.42 -2.56
CA TRP B 141 -9.48 3.71 -3.01
C TRP B 141 -10.51 3.21 -2.00
N GLY B 142 -10.04 2.92 -0.79
CA GLY B 142 -10.89 2.34 0.24
C GLY B 142 -11.97 3.27 0.78
N ASN B 143 -12.76 2.74 1.70
CA ASN B 143 -13.85 3.50 2.29
C ASN B 143 -13.43 4.84 2.89
N LEU B 144 -14.32 5.82 2.75
CA LEU B 144 -14.08 7.17 3.23
C LEU B 144 -14.42 7.37 4.71
N LYS B 145 -15.24 6.48 5.25
CA LYS B 145 -15.62 6.51 6.66
C LYS B 145 -15.81 5.07 7.11
N GLU B 146 -15.85 4.86 8.43
CA GLU B 146 -16.01 3.52 8.95
C GLU B 146 -17.36 2.90 8.57
N GLY B 155 -19.53 7.39 0.37
CA GLY B 155 -18.89 6.30 1.07
C GLY B 155 -17.62 5.81 0.41
N GLN B 156 -17.62 5.80 -0.91
CA GLN B 156 -16.44 5.40 -1.67
C GLN B 156 -16.02 6.52 -2.62
N PRO B 157 -14.70 6.76 -2.73
CA PRO B 157 -14.19 7.93 -3.46
C PRO B 157 -14.22 7.70 -4.96
N SER B 158 -14.20 8.77 -5.74
CA SER B 158 -14.17 8.64 -7.19
C SER B 158 -12.73 8.53 -7.70
N VAL B 159 -11.79 9.13 -6.97
CA VAL B 159 -10.39 9.01 -7.34
C VAL B 159 -9.52 8.56 -6.16
N LEU B 160 -8.26 8.24 -6.44
CA LEU B 160 -7.33 7.80 -5.41
C LEU B 160 -7.22 8.85 -4.30
N GLN B 161 -7.23 8.39 -3.05
CA GLN B 161 -7.11 9.25 -1.89
C GLN B 161 -5.72 9.16 -1.25
N VAL B 162 -5.31 10.23 -0.59
CA VAL B 162 -4.00 10.28 0.05
C VAL B 162 -4.10 10.91 1.43
N VAL B 163 -3.29 10.42 2.36
CA VAL B 163 -3.23 11.04 3.68
C VAL B 163 -1.85 10.82 4.28
N ASN B 164 -1.29 11.86 4.90
CA ASN B 164 -0.01 11.78 5.57
C ASN B 164 -0.20 11.56 7.08
N LEU B 165 0.48 10.55 7.63
CA LEU B 165 0.30 10.18 9.03
C LEU B 165 1.63 9.97 9.74
N PRO B 166 1.71 10.38 11.02
CA PRO B 166 2.95 10.24 11.78
C PRO B 166 3.13 8.83 12.33
N ILE B 167 4.36 8.34 12.38
CA ILE B 167 4.69 7.08 13.05
C ILE B 167 4.44 7.27 14.56
N VAL B 168 3.85 6.27 15.20
CA VAL B 168 3.56 6.39 16.62
C VAL B 168 4.48 5.50 17.47
N GLU B 169 4.85 6.00 18.66
CA GLU B 169 5.72 5.27 19.56
C GLU B 169 5.15 3.90 19.90
N ARG B 170 6.04 2.91 19.93
CA ARG B 170 5.69 1.52 20.18
C ARG B 170 4.82 1.28 21.44
N PRO B 171 5.20 1.86 22.59
CA PRO B 171 4.39 1.72 23.82
C PRO B 171 2.96 2.19 23.65
N VAL B 172 2.79 3.30 22.93
CA VAL B 172 1.45 3.83 22.66
C VAL B 172 0.62 2.92 21.74
N CYS B 173 1.25 2.33 20.73
CA CYS B 173 0.56 1.39 19.86
C CYS B 173 0.04 0.20 20.67
N LYS B 174 0.89 -0.32 21.55
CA LYS B 174 0.56 -1.49 22.35
C LYS B 174 -0.59 -1.23 23.32
N ASP B 175 -0.57 -0.08 24.00
CA ASP B 175 -1.58 0.25 24.99
C ASP B 175 -2.93 0.68 24.41
N SER B 176 -3.04 0.72 23.09
CA SER B 176 -4.29 1.14 22.43
C SER B 176 -5.15 -0.04 22.01
N THR B 177 -4.62 -1.25 22.16
CA THR B 177 -5.30 -2.42 21.64
C THR B 177 -5.06 -3.65 22.52
N ARG B 178 -6.00 -4.60 22.44
CA ARG B 178 -5.88 -5.88 23.14
C ARG B 178 -5.15 -6.89 22.29
N ILE B 179 -5.06 -6.61 20.98
CA ILE B 179 -4.36 -7.48 20.05
C ILE B 179 -2.87 -7.52 20.39
N ARG B 180 -2.26 -8.69 20.30
CA ARG B 180 -0.82 -8.82 20.54
C ARG B 180 0.03 -8.29 19.36
N ILE B 181 0.78 -7.23 19.64
CA ILE B 181 1.59 -6.55 18.64
C ILE B 181 2.99 -7.18 18.56
N THR B 182 3.54 -7.29 17.35
CA THR B 182 4.84 -7.92 17.15
C THR B 182 5.82 -6.93 16.52
N ASP B 183 7.10 -7.30 16.49
CA ASP B 183 8.13 -6.50 15.84
C ASP B 183 7.92 -6.35 14.34
N ASN B 184 7.07 -7.18 13.75
CA ASN B 184 6.80 -7.13 12.31
C ASN B 184 5.70 -6.13 11.97
N MET B 185 5.34 -5.30 12.95
CA MET B 185 4.32 -4.28 12.73
C MET B 185 4.79 -2.95 13.29
N PHE B 186 4.24 -1.87 12.75
CA PHE B 186 4.30 -0.58 13.41
C PHE B 186 2.94 0.09 13.29
N CYS B 187 2.67 1.08 14.13
CA CYS B 187 1.39 1.77 14.01
C CYS B 187 1.59 3.25 13.67
N ALA B 188 0.56 3.87 13.13
CA ALA B 188 0.65 5.25 12.72
C ALA B 188 -0.71 5.94 12.76
N GLY B 189 -0.69 7.24 13.04
CA GLY B 189 -1.90 8.03 13.10
C GLY B 189 -1.72 9.13 14.13
N TYR B 190 -2.66 10.06 14.16
CA TYR B 190 -2.59 11.14 15.14
C TYR B 190 -3.19 10.70 16.48
N LYS B 191 -2.66 11.28 17.56
CA LYS B 191 -3.21 11.10 18.89
C LYS B 191 -4.52 11.89 18.98
N PRO B 192 -5.40 11.53 19.92
CA PRO B 192 -6.70 12.19 20.09
C PRO B 192 -6.53 13.69 20.33
N ASP B 193 -5.42 14.07 20.96
CA ASP B 193 -5.20 15.46 21.34
C ASP B 193 -4.31 16.22 20.37
N GLU B 194 -4.24 15.76 19.11
CA GLU B 194 -3.36 16.42 18.14
C GLU B 194 -4.15 17.22 17.11
N GLY B 195 -5.48 17.09 17.11
CA GLY B 195 -6.30 17.96 16.31
C GLY B 195 -6.49 17.55 14.85
N LYS B 196 -5.49 16.88 14.28
CA LYS B 196 -5.61 16.34 12.93
C LYS B 196 -6.06 14.88 12.99
N ARG B 197 -6.72 14.40 11.94
CA ARG B 197 -7.22 13.03 11.90
C ARG B 197 -6.67 12.28 10.69
N GLY B 198 -7.23 11.11 10.44
CA GLY B 198 -6.91 10.35 9.24
C GLY B 198 -6.47 8.93 9.53
N ASP B 199 -6.84 8.02 8.62
CA ASP B 199 -6.54 6.61 8.79
C ASP B 199 -6.83 5.90 7.47
N ALA B 200 -6.25 4.72 7.30
CA ALA B 200 -6.65 3.83 6.22
C ALA B 200 -7.95 3.18 6.64
N CYS B 201 -8.58 2.44 5.73
CA CYS B 201 -9.83 1.78 6.07
C CYS B 201 -10.01 0.56 5.18
N GLU B 202 -11.18 -0.07 5.29
CA GLU B 202 -11.52 -1.23 4.47
C GLU B 202 -11.34 -0.91 3.00
N GLY B 203 -10.66 -1.79 2.27
CA GLY B 203 -10.38 -1.54 0.86
C GLY B 203 -9.00 -0.95 0.61
N ASP B 204 -8.42 -0.34 1.64
CA ASP B 204 -7.07 0.22 1.52
C ASP B 204 -5.99 -0.81 1.78
N SER B 205 -6.38 -1.94 2.37
CA SER B 205 -5.45 -3.01 2.73
C SER B 205 -4.55 -3.37 1.57
N GLY B 206 -3.29 -3.68 1.87
CA GLY B 206 -2.34 -4.07 0.86
C GLY B 206 -1.63 -2.88 0.23
N GLY B 207 -2.16 -1.69 0.45
CA GLY B 207 -1.54 -0.48 -0.07
C GLY B 207 -0.23 -0.11 0.61
N PRO B 208 0.51 0.84 0.00
CA PRO B 208 1.83 1.23 0.51
C PRO B 208 1.78 2.34 1.55
N PHE B 209 2.60 2.23 2.58
CA PHE B 209 2.92 3.34 3.46
C PHE B 209 4.32 3.78 3.01
N VAL B 210 4.44 4.96 2.41
CA VAL B 210 5.73 5.37 1.83
C VAL B 210 6.32 6.56 2.54
N MET B 211 7.64 6.71 2.44
CA MET B 211 8.33 7.89 2.96
C MET B 211 9.31 8.41 1.92
N LYS B 212 9.55 9.71 1.91
CA LYS B 212 10.52 10.28 0.98
C LYS B 212 11.84 10.50 1.69
N SER B 213 12.91 9.88 1.19
CA SER B 213 14.22 10.04 1.80
C SER B 213 14.75 11.45 1.59
N PRO B 214 15.13 12.12 2.69
CA PRO B 214 15.74 13.44 2.60
C PRO B 214 17.19 13.37 2.08
N PHE B 215 17.72 12.16 2.01
CA PHE B 215 19.11 11.93 1.60
C PHE B 215 19.28 11.82 0.08
N ASN B 216 18.41 11.04 -0.56
CA ASN B 216 18.53 10.84 -1.99
C ASN B 216 17.25 11.18 -2.76
N ASN B 217 16.26 11.68 -2.05
CA ASN B 217 15.01 12.17 -2.64
C ASN B 217 14.13 11.09 -3.28
N ARG B 218 14.43 9.82 -2.99
CA ARG B 218 13.64 8.71 -3.49
C ARG B 218 12.55 8.34 -2.52
N TRP B 219 11.45 7.83 -3.05
CA TRP B 219 10.36 7.31 -2.23
C TRP B 219 10.61 5.85 -1.86
N TYR B 220 10.47 5.52 -0.59
CA TYR B 220 10.70 4.16 -0.11
C TYR B 220 9.43 3.60 0.52
N GLN B 221 9.11 2.34 0.26
CA GLN B 221 7.93 1.75 0.92
C GLN B 221 8.31 1.16 2.27
N MET B 222 7.84 1.78 3.36
CA MET B 222 8.20 1.34 4.69
C MET B 222 7.22 0.33 5.27
N GLY B 223 5.94 0.47 4.90
CA GLY B 223 4.91 -0.40 5.44
C GLY B 223 3.83 -0.84 4.47
N ILE B 224 3.05 -1.85 4.86
CA ILE B 224 1.90 -2.27 4.10
C ILE B 224 0.65 -2.12 4.96
N VAL B 225 -0.36 -1.45 4.44
CA VAL B 225 -1.62 -1.29 5.18
C VAL B 225 -2.15 -2.65 5.63
N SER B 226 -2.19 -2.86 6.93
CA SER B 226 -2.55 -4.19 7.43
C SER B 226 -3.90 -4.20 8.14
N TRP B 227 -3.96 -3.67 9.35
CA TRP B 227 -5.20 -3.76 10.11
C TRP B 227 -5.41 -2.61 11.06
N GLY B 228 -6.63 -2.53 11.52
CA GLY B 228 -6.99 -1.70 12.63
C GLY B 228 -8.37 -2.05 13.14
N GLU B 229 -8.83 -1.31 14.11
CA GLU B 229 -10.12 -1.53 14.70
C GLU B 229 -10.99 -0.36 14.39
N GLY B 230 -11.97 -0.57 13.56
CA GLY B 230 -12.66 0.52 12.92
C GLY B 230 -11.75 1.34 12.03
N CYS B 231 -12.15 2.55 11.72
CA CYS B 231 -11.31 3.45 10.94
C CYS B 231 -11.33 4.85 11.52
N ASP B 232 -10.17 5.39 11.83
CA ASP B 232 -10.05 6.76 12.31
C ASP B 232 -10.82 6.98 13.61
N ARG B 233 -10.74 6.02 14.53
CA ARG B 233 -11.32 6.20 15.85
C ARG B 233 -10.30 6.88 16.76
N ASP B 234 -10.77 7.77 17.62
CA ASP B 234 -9.90 8.41 18.59
C ASP B 234 -9.28 7.35 19.48
N GLY B 235 -7.98 7.50 19.77
CA GLY B 235 -7.30 6.58 20.65
C GLY B 235 -7.00 5.24 20.02
N LYS B 236 -7.22 5.14 18.71
CA LYS B 236 -6.84 3.95 17.95
C LYS B 236 -5.86 4.31 16.83
N TYR B 237 -5.16 3.31 16.30
CA TYR B 237 -4.16 3.58 15.27
C TYR B 237 -4.19 2.53 14.17
N GLY B 238 -3.75 2.93 12.98
CA GLY B 238 -3.60 1.98 11.89
C GLY B 238 -2.31 1.19 12.10
N PHE B 239 -2.36 -0.10 11.77
CA PHE B 239 -1.20 -0.95 11.88
C PHE B 239 -0.71 -1.36 10.50
N TYR B 240 0.62 -1.42 10.35
CA TYR B 240 1.24 -1.63 9.06
C TYR B 240 2.25 -2.74 9.17
N THR B 241 2.36 -3.56 8.14
CA THR B 241 3.41 -4.57 8.05
C THR B 241 4.76 -3.89 7.91
N HIS B 242 5.72 -4.30 8.73
CA HIS B 242 7.06 -3.71 8.73
C HIS B 242 7.90 -4.28 7.59
N VAL B 243 7.96 -3.56 6.47
CA VAL B 243 8.52 -4.12 5.25
C VAL B 243 9.99 -4.56 5.40
N PHE B 244 10.81 -3.72 6.02
CA PHE B 244 12.22 -4.07 6.11
C PHE B 244 12.47 -5.34 6.92
N ARG B 245 11.74 -5.49 8.03
CA ARG B 245 11.90 -6.67 8.88
C ARG B 245 11.65 -7.95 8.10
N LEU B 246 10.90 -7.86 7.02
CA LEU B 246 10.54 -9.03 6.22
C LEU B 246 11.24 -9.04 4.87
N LYS B 247 12.24 -8.19 4.71
CA LYS B 247 12.87 -8.04 3.42
C LYS B 247 13.67 -9.27 3.01
N LYS B 248 14.21 -9.98 3.99
CA LYS B 248 14.96 -11.20 3.70
C LYS B 248 14.10 -12.21 2.96
N TRP B 249 12.85 -12.36 3.40
CA TRP B 249 11.93 -13.25 2.73
C TRP B 249 11.59 -12.72 1.34
N ILE B 250 11.35 -11.41 1.24
CA ILE B 250 11.08 -10.79 -0.05
C ILE B 250 12.20 -11.09 -1.04
N GLN B 251 13.44 -10.78 -0.63
CA GLN B 251 14.59 -10.99 -1.50
C GLN B 251 14.74 -12.44 -1.91
N LYS B 252 14.45 -13.35 -0.98
CA LYS B 252 14.59 -14.78 -1.19
C LYS B 252 13.63 -15.26 -2.28
N VAL B 253 12.36 -14.93 -2.13
CA VAL B 253 11.34 -15.29 -3.11
C VAL B 253 11.72 -14.81 -4.52
N ILE B 254 12.24 -13.59 -4.60
CA ILE B 254 12.48 -12.96 -5.88
C ILE B 254 13.60 -13.62 -6.68
N ASP B 255 14.78 -13.78 -6.08
CA ASP B 255 15.90 -14.33 -6.82
C ASP B 255 15.88 -15.85 -6.92
N GLN B 256 14.82 -16.46 -6.43
CA GLN B 256 14.63 -17.91 -6.56
C GLN B 256 13.62 -18.21 -7.66
N PHE B 257 12.52 -17.47 -7.66
CA PHE B 257 11.47 -17.64 -8.66
C PHE B 257 11.45 -16.46 -9.63
N ASP C 1 -21.38 -0.75 -10.78
CA ASP C 1 -20.58 0.38 -10.28
C ASP C 1 -19.30 0.57 -11.10
N PHE C 2 -18.59 -0.52 -11.35
CA PHE C 2 -17.37 -0.46 -12.12
C PHE C 2 -17.64 -0.50 -13.61
N GLU C 3 -16.87 0.28 -14.36
CA GLU C 3 -16.97 0.25 -15.82
C GLU C 3 -16.34 -1.03 -16.35
N GLU C 4 -17.03 -1.68 -17.28
CA GLU C 4 -16.55 -2.95 -17.81
C GLU C 4 -15.15 -2.79 -18.39
N ILE C 5 -14.31 -3.79 -18.21
CA ILE C 5 -13.01 -3.80 -18.83
C ILE C 5 -13.10 -4.67 -20.08
N PRO C 6 -12.15 -4.50 -21.02
CA PRO C 6 -12.16 -5.34 -22.22
C PRO C 6 -12.29 -6.83 -21.87
N GLU C 7 -12.98 -7.58 -22.71
CA GLU C 7 -13.30 -8.98 -22.43
C GLU C 7 -12.05 -9.86 -22.32
N GLU C 8 -11.03 -9.53 -23.09
CA GLU C 8 -9.82 -10.35 -23.14
C GLU C 8 -9.17 -10.56 -21.78
N TYR C 9 -9.25 -9.56 -20.91
CA TYR C 9 -8.65 -9.65 -19.58
C TYR C 9 -9.48 -10.52 -18.66
N LEU C 10 -10.79 -10.48 -18.81
CA LEU C 10 -11.69 -11.32 -18.03
C LEU C 10 -11.56 -12.79 -18.45
N GLN C 11 -10.37 -13.15 -18.93
CA GLN C 11 -10.13 -14.48 -19.49
C GLN C 11 -9.12 -15.25 -18.62
C1 I50 D . -7.38 0.56 9.63
O5 I50 D . -6.78 -1.12 8.16
C7 I50 D . -8.32 -2.46 6.93
C9 I50 D . -8.65 -4.82 7.71
C11 I50 D . -8.12 -6.25 7.92
C12 I50 D . -8.66 -6.83 9.23
C13 I50 D . -8.87 -6.04 10.38
C14 I50 D . -9.36 -6.63 11.55
C15 I50 D . -9.63 -8.03 11.60
C16 I50 D . -9.42 -8.83 10.46
C21 I50 D . -10.18 -6.48 13.91
C24 I50 D . -9.10 -6.69 14.99
C27 I50 D . -7.68 -10.23 14.28
C30 I50 D . -6.88 -7.53 14.03
N2 I50 D . -6.23 1.00 9.43
N3 I50 D . -8.40 1.41 10.22
N4 I50 D . -7.77 -0.73 9.07
C6 I50 D . -7.14 -1.47 6.84
N8 I50 D . -7.78 -3.78 7.21
O10 I50 D . -9.83 -4.64 7.77
C17 I50 D . -8.93 -8.22 9.28
CL18 I50 D . -8.65 -9.22 7.83
F19 I50 D . -8.61 -4.70 10.37
N20 I50 D . -9.57 -5.83 12.76
C25 I50 D . -8.16 -7.84 14.57
C26 I50 D . -8.56 -9.20 14.69
C28 I50 D . -6.41 -9.91 13.75
C29 I50 D . -6.01 -8.56 13.63
F31 I50 D . -8.39 -5.55 15.15
F32 I50 D . -9.76 -6.99 16.16
#